data_2EQT
#
_entry.id   2EQT
#
_entity_poly.entity_id   1
_entity_poly.type   'polypeptide(L)'
_entity_poly.pdbx_seq_one_letter_code
;ENFSGGCVAGYMRTPDGRCKPTFYQLIT
;
_entity_poly.pdbx_strand_id   A
#
# COMPACT_ATOMS: atom_id res chain seq x y z
N GLU A 1 1.33 -10.73 -2.61
CA GLU A 1 1.53 -11.90 -3.50
C GLU A 1 1.35 -11.48 -4.95
N ASN A 2 0.18 -10.90 -5.23
CA ASN A 2 -0.14 -10.39 -6.55
C ASN A 2 0.53 -9.03 -6.73
N PHE A 3 1.59 -9.02 -7.52
CA PHE A 3 2.39 -7.82 -7.68
C PHE A 3 1.75 -6.85 -8.69
N SER A 4 0.65 -6.24 -8.27
CA SER A 4 0.00 -5.21 -9.03
C SER A 4 0.31 -3.85 -8.43
N GLY A 5 1.01 -3.88 -7.31
CA GLY A 5 1.34 -2.68 -6.58
C GLY A 5 1.08 -2.85 -5.11
N GLY A 6 -0.10 -3.34 -4.79
CA GLY A 6 -0.50 -3.53 -3.41
C GLY A 6 -1.93 -3.12 -3.19
N CYS A 7 -2.26 -1.94 -3.67
CA CYS A 7 -3.60 -1.42 -3.57
C CYS A 7 -3.81 -0.37 -4.65
N VAL A 8 -3.76 0.89 -4.23
CA VAL A 8 -3.88 2.02 -5.14
C VAL A 8 -2.49 2.46 -5.60
N ALA A 9 -2.44 3.40 -6.52
CA ALA A 9 -1.18 4.02 -6.90
C ALA A 9 -0.66 4.85 -5.74
N GLY A 10 0.43 4.38 -5.11
CA GLY A 10 0.91 5.03 -3.91
C GLY A 10 0.40 4.33 -2.65
N TYR A 11 -0.29 3.22 -2.85
CA TYR A 11 -0.82 2.46 -1.72
C TYR A 11 -0.34 1.02 -1.76
N MET A 12 0.47 0.67 -0.79
CA MET A 12 0.93 -0.68 -0.61
C MET A 12 -0.12 -1.48 0.17
N ARG A 13 0.08 -2.77 0.32
CA ARG A 13 -0.85 -3.59 1.08
C ARG A 13 -0.23 -4.04 2.39
N THR A 14 -1.02 -4.06 3.45
CA THR A 14 -0.56 -4.52 4.75
C THR A 14 -0.86 -6.01 4.89
N PRO A 15 -0.34 -6.66 5.95
CA PRO A 15 -0.63 -8.08 6.22
C PRO A 15 -2.05 -8.28 6.75
N ASP A 16 -2.82 -7.19 6.81
CA ASP A 16 -4.21 -7.24 7.25
C ASP A 16 -5.13 -7.41 6.05
N GLY A 17 -4.57 -7.17 4.87
CA GLY A 17 -5.37 -7.16 3.66
C GLY A 17 -5.83 -5.77 3.31
N ARG A 18 -5.43 -4.80 4.13
CA ARG A 18 -5.78 -3.41 3.92
C ARG A 18 -4.65 -2.68 3.20
N CYS A 19 -4.84 -1.40 2.96
CA CYS A 19 -3.87 -0.62 2.20
C CYS A 19 -3.14 0.38 3.10
N LYS A 20 -1.89 0.69 2.74
CA LYS A 20 -1.09 1.68 3.45
C LYS A 20 -0.43 2.57 2.41
N PRO A 21 -0.45 3.90 2.58
CA PRO A 21 0.18 4.80 1.61
C PRO A 21 1.69 4.90 1.78
N THR A 22 2.41 4.74 0.68
CA THR A 22 3.86 4.69 0.70
C THR A 22 4.48 6.08 0.85
N PHE A 23 3.66 7.07 1.18
CA PHE A 23 4.14 8.44 1.29
C PHE A 23 5.10 8.56 2.46
N TYR A 24 4.77 7.89 3.56
CA TYR A 24 5.62 7.95 4.72
C TYR A 24 6.71 6.90 4.62
N GLN A 25 6.63 6.09 3.59
CA GLN A 25 7.68 5.12 3.31
C GLN A 25 8.86 5.81 2.67
N LEU A 26 8.57 6.87 1.92
CA LEU A 26 9.62 7.66 1.30
C LEU A 26 10.17 8.72 2.25
N ILE A 27 9.33 9.27 3.13
CA ILE A 27 9.78 10.29 4.08
C ILE A 27 10.43 9.68 5.33
N THR A 28 10.02 8.49 5.72
CA THR A 28 10.54 7.87 6.93
C THR A 28 11.53 6.76 6.59
N GLU A 1 -7.76 -11.16 -14.97
CA GLU A 1 -6.90 -9.96 -14.90
C GLU A 1 -7.10 -9.23 -13.58
N ASN A 2 -6.11 -9.33 -12.71
CA ASN A 2 -6.17 -8.70 -11.41
C ASN A 2 -4.88 -7.92 -11.15
N PHE A 3 -4.98 -6.83 -10.43
CA PHE A 3 -3.82 -6.03 -10.11
C PHE A 3 -3.06 -6.68 -8.94
N SER A 4 -1.75 -6.50 -8.91
CA SER A 4 -0.91 -7.07 -7.87
C SER A 4 -1.17 -6.39 -6.53
N GLY A 5 -1.72 -7.13 -5.58
CA GLY A 5 -1.99 -6.59 -4.27
C GLY A 5 -3.40 -6.08 -4.16
N GLY A 6 -3.76 -5.18 -5.05
CA GLY A 6 -5.11 -4.65 -5.05
C GLY A 6 -5.17 -3.20 -4.61
N CYS A 7 -4.12 -2.76 -3.93
CA CYS A 7 -4.05 -1.38 -3.47
C CYS A 7 -3.63 -0.47 -4.62
N VAL A 8 -4.22 0.72 -4.66
CA VAL A 8 -4.01 1.64 -5.77
C VAL A 8 -2.64 2.31 -5.69
N ALA A 9 -2.33 3.14 -6.69
CA ALA A 9 -1.03 3.81 -6.78
C ALA A 9 -0.69 4.56 -5.51
N GLY A 10 0.45 4.19 -4.93
CA GLY A 10 0.92 4.86 -3.72
C GLY A 10 0.69 4.00 -2.50
N TYR A 11 -0.31 3.13 -2.59
CA TYR A 11 -0.68 2.27 -1.48
C TYR A 11 -0.10 0.88 -1.63
N MET A 12 0.43 0.36 -0.54
CA MET A 12 0.94 -1.00 -0.48
C MET A 12 -0.09 -1.91 0.18
N ARG A 13 -0.15 -3.16 -0.25
CA ARG A 13 -1.04 -4.12 0.38
C ARG A 13 -0.41 -4.64 1.65
N THR A 14 -1.09 -4.42 2.75
CA THR A 14 -0.61 -4.83 4.03
C THR A 14 -1.24 -6.16 4.45
N PRO A 15 -0.53 -6.96 5.26
CA PRO A 15 -0.93 -8.34 5.61
C PRO A 15 -2.22 -8.44 6.42
N ASP A 16 -2.88 -7.33 6.63
CA ASP A 16 -4.16 -7.30 7.33
C ASP A 16 -5.31 -7.20 6.34
N GLY A 17 -4.99 -6.85 5.10
CA GLY A 17 -5.99 -6.81 4.05
C GLY A 17 -6.45 -5.40 3.71
N ARG A 18 -5.76 -4.41 4.26
CA ARG A 18 -6.02 -3.02 3.88
C ARG A 18 -4.82 -2.45 3.13
N CYS A 19 -4.70 -1.14 3.09
CA CYS A 19 -3.60 -0.52 2.38
C CYS A 19 -2.93 0.54 3.22
N LYS A 20 -1.62 0.64 3.06
CA LYS A 20 -0.84 1.67 3.72
C LYS A 20 -0.11 2.47 2.66
N PRO A 21 -0.07 3.80 2.78
CA PRO A 21 0.61 4.63 1.80
C PRO A 21 2.12 4.71 2.03
N THR A 22 2.88 4.38 1.00
CA THR A 22 4.34 4.33 1.08
C THR A 22 4.96 5.73 1.22
N PHE A 23 4.12 6.75 1.32
CA PHE A 23 4.61 8.13 1.31
C PHE A 23 5.35 8.42 2.61
N TYR A 24 4.97 7.75 3.70
CA TYR A 24 5.70 7.84 4.96
C TYR A 24 7.14 7.41 4.75
N GLN A 25 7.30 6.39 3.94
CA GLN A 25 8.60 5.80 3.70
C GLN A 25 9.41 6.68 2.74
N LEU A 26 8.69 7.51 2.02
CA LEU A 26 9.31 8.53 1.16
C LEU A 26 9.73 9.73 2.02
N ILE A 27 8.95 9.99 3.05
CA ILE A 27 9.16 11.14 3.92
C ILE A 27 10.26 10.87 4.94
N THR A 28 10.15 9.75 5.64
CA THR A 28 11.12 9.40 6.66
C THR A 28 12.10 8.35 6.13
N GLU A 1 -7.36 -14.67 -4.75
CA GLU A 1 -7.27 -14.05 -3.41
C GLU A 1 -6.83 -12.59 -3.56
N ASN A 2 -6.80 -11.87 -2.45
CA ASN A 2 -6.34 -10.48 -2.46
C ASN A 2 -4.82 -10.45 -2.47
N PHE A 3 -4.25 -10.29 -3.66
CA PHE A 3 -2.82 -10.39 -3.86
C PHE A 3 -2.10 -9.13 -3.37
N SER A 4 -0.79 -9.25 -3.18
CA SER A 4 0.01 -8.12 -2.75
C SER A 4 0.11 -7.12 -3.89
N GLY A 5 -0.51 -5.97 -3.71
CA GLY A 5 -0.58 -4.99 -4.77
C GLY A 5 -2.01 -4.71 -5.18
N GLY A 6 -2.95 -5.17 -4.36
CA GLY A 6 -4.35 -4.95 -4.62
C GLY A 6 -4.83 -3.60 -4.13
N CYS A 7 -3.92 -2.64 -4.11
CA CYS A 7 -4.22 -1.28 -3.70
C CYS A 7 -3.73 -0.31 -4.78
N VAL A 8 -4.30 0.88 -4.82
CA VAL A 8 -3.99 1.85 -5.85
C VAL A 8 -2.55 2.37 -5.73
N ALA A 9 -2.07 2.98 -6.81
CA ALA A 9 -0.73 3.54 -6.85
C ALA A 9 -0.50 4.53 -5.71
N GLY A 10 0.66 4.44 -5.08
CA GLY A 10 0.94 5.27 -3.92
C GLY A 10 0.60 4.54 -2.63
N TYR A 11 -0.11 3.44 -2.76
CA TYR A 11 -0.48 2.63 -1.63
C TYR A 11 0.22 1.29 -1.65
N MET A 12 0.36 0.71 -0.47
CA MET A 12 0.90 -0.62 -0.31
C MET A 12 -0.16 -1.49 0.32
N ARG A 13 -0.27 -2.73 -0.10
CA ARG A 13 -1.24 -3.64 0.47
C ARG A 13 -0.60 -4.39 1.64
N THR A 14 -0.99 -4.02 2.84
CA THR A 14 -0.33 -4.50 4.03
C THR A 14 -0.78 -5.92 4.37
N PRO A 15 0.07 -6.67 5.10
CA PRO A 15 -0.18 -8.09 5.42
C PRO A 15 -1.51 -8.32 6.14
N ASP A 16 -1.97 -7.31 6.87
CA ASP A 16 -3.21 -7.43 7.63
C ASP A 16 -4.42 -7.22 6.74
N GLY A 17 -4.19 -6.90 5.47
CA GLY A 17 -5.26 -6.80 4.51
C GLY A 17 -5.85 -5.40 4.39
N ARG A 18 -4.97 -4.41 4.40
CA ARG A 18 -5.40 -3.02 4.33
C ARG A 18 -4.50 -2.25 3.38
N CYS A 19 -4.99 -1.15 2.85
CA CYS A 19 -4.19 -0.30 1.98
C CYS A 19 -3.63 0.87 2.78
N LYS A 20 -2.32 1.01 2.76
CA LYS A 20 -1.63 2.08 3.48
C LYS A 20 -0.70 2.80 2.52
N PRO A 21 -0.74 4.14 2.45
CA PRO A 21 0.07 4.87 1.49
C PRO A 21 1.55 4.91 1.86
N THR A 22 2.37 4.39 0.98
CA THR A 22 3.80 4.22 1.24
C THR A 22 4.55 5.55 1.11
N PHE A 23 3.81 6.64 1.01
CA PHE A 23 4.42 7.95 0.82
C PHE A 23 5.20 8.32 2.08
N TYR A 24 4.62 7.99 3.22
CA TYR A 24 5.25 8.32 4.49
C TYR A 24 6.36 7.32 4.79
N GLN A 25 6.39 6.23 4.03
CA GLN A 25 7.41 5.20 4.20
C GLN A 25 8.70 5.68 3.54
N LEU A 26 8.56 6.42 2.45
CA LEU A 26 9.73 6.98 1.78
C LEU A 26 10.23 8.24 2.50
N ILE A 27 9.34 8.94 3.21
CA ILE A 27 9.75 10.12 3.97
C ILE A 27 10.09 9.79 5.43
N THR A 28 9.79 8.58 5.86
CA THR A 28 10.06 8.20 7.24
C THR A 28 10.54 6.76 7.32
N GLU A 1 -9.04 -5.15 -14.28
CA GLU A 1 -8.06 -4.07 -14.01
C GLU A 1 -7.55 -4.13 -12.56
N ASN A 2 -8.17 -4.98 -11.76
CA ASN A 2 -7.89 -5.04 -10.33
C ASN A 2 -6.76 -6.00 -10.01
N PHE A 3 -6.08 -6.50 -11.03
CA PHE A 3 -4.94 -7.39 -10.84
C PHE A 3 -3.65 -6.56 -10.75
N SER A 4 -3.81 -5.31 -10.34
CA SER A 4 -2.71 -4.35 -10.29
C SER A 4 -1.94 -4.45 -8.97
N GLY A 5 -2.15 -5.54 -8.24
CA GLY A 5 -1.42 -5.75 -6.99
C GLY A 5 -2.34 -5.80 -5.78
N GLY A 6 -3.49 -5.15 -5.89
CA GLY A 6 -4.45 -5.17 -4.82
C GLY A 6 -5.00 -3.79 -4.51
N CYS A 7 -4.12 -2.90 -4.07
CA CYS A 7 -4.53 -1.54 -3.81
C CYS A 7 -3.92 -0.63 -4.88
N VAL A 8 -4.28 0.64 -4.86
CA VAL A 8 -3.89 1.57 -5.91
C VAL A 8 -2.44 2.02 -5.74
N ALA A 9 -1.91 2.63 -6.80
CA ALA A 9 -0.53 3.11 -6.80
C ALA A 9 -0.27 4.06 -5.63
N GLY A 10 0.72 3.73 -4.83
CA GLY A 10 1.03 4.51 -3.65
C GLY A 10 0.54 3.84 -2.38
N TYR A 11 -0.43 2.96 -2.54
CA TYR A 11 -1.00 2.22 -1.43
C TYR A 11 -0.60 0.75 -1.51
N MET A 12 0.26 0.36 -0.58
CA MET A 12 0.71 -1.01 -0.49
C MET A 12 -0.35 -1.87 0.21
N ARG A 13 -0.69 -2.99 -0.39
CA ARG A 13 -1.64 -3.91 0.20
C ARG A 13 -0.95 -4.77 1.25
N THR A 14 -1.23 -4.47 2.51
CA THR A 14 -0.57 -5.12 3.62
C THR A 14 -1.18 -6.50 3.90
N PRO A 15 -0.44 -7.35 4.62
CA PRO A 15 -0.94 -8.68 5.05
C PRO A 15 -2.13 -8.56 6.00
N ASP A 16 -2.44 -7.33 6.39
CA ASP A 16 -3.55 -7.05 7.26
C ASP A 16 -4.85 -7.08 6.46
N GLY A 17 -4.78 -6.56 5.24
CA GLY A 17 -5.95 -6.46 4.39
C GLY A 17 -6.18 -5.05 3.90
N ARG A 18 -5.74 -4.09 4.70
CA ARG A 18 -5.90 -2.68 4.35
C ARG A 18 -4.69 -2.17 3.59
N CYS A 19 -4.81 -0.96 3.09
CA CYS A 19 -3.75 -0.32 2.34
C CYS A 19 -2.93 0.60 3.23
N LYS A 20 -1.63 0.60 3.02
CA LYS A 20 -0.74 1.49 3.72
C LYS A 20 -0.08 2.41 2.70
N PRO A 21 -0.04 3.71 2.97
CA PRO A 21 0.59 4.66 2.07
C PRO A 21 2.09 4.81 2.29
N THR A 22 2.86 4.57 1.25
CA THR A 22 4.31 4.63 1.32
C THR A 22 4.80 6.09 1.38
N PHE A 23 3.87 7.02 1.57
CA PHE A 23 4.21 8.44 1.52
C PHE A 23 5.16 8.79 2.67
N TYR A 24 4.90 8.22 3.84
CA TYR A 24 5.72 8.54 4.98
C TYR A 24 7.00 7.71 4.94
N GLN A 25 7.03 6.74 4.04
CA GLN A 25 8.21 5.90 3.89
C GLN A 25 9.18 6.52 2.91
N LEU A 26 8.70 7.48 2.12
CA LEU A 26 9.60 8.26 1.26
C LEU A 26 10.10 9.50 2.00
N ILE A 27 9.33 9.99 2.97
CA ILE A 27 9.79 11.10 3.79
C ILE A 27 10.60 10.62 4.99
N THR A 28 10.11 9.61 5.70
CA THR A 28 10.81 9.07 6.85
C THR A 28 11.88 8.07 6.40
N GLU A 1 -9.30 -3.84 -1.13
CA GLU A 1 -8.93 -5.20 -1.56
C GLU A 1 -7.57 -5.18 -2.23
N ASN A 2 -6.91 -6.33 -2.24
CA ASN A 2 -5.65 -6.50 -2.94
C ASN A 2 -5.73 -7.67 -3.90
N PHE A 3 -5.34 -7.43 -5.14
CA PHE A 3 -5.27 -8.50 -6.13
C PHE A 3 -4.20 -9.52 -5.72
N SER A 4 -3.16 -9.02 -5.06
CA SER A 4 -2.10 -9.86 -4.52
C SER A 4 -1.13 -8.99 -3.71
N GLY A 5 -0.07 -8.54 -4.35
CA GLY A 5 0.91 -7.71 -3.67
C GLY A 5 0.83 -6.28 -4.13
N GLY A 6 -0.27 -5.61 -3.82
CA GLY A 6 -0.42 -4.24 -4.22
C GLY A 6 -1.82 -3.73 -3.97
N CYS A 7 -1.91 -2.46 -3.68
CA CYS A 7 -3.17 -1.76 -3.59
C CYS A 7 -3.19 -0.73 -4.70
N VAL A 8 -3.94 0.34 -4.56
CA VAL A 8 -4.04 1.34 -5.61
C VAL A 8 -2.77 2.19 -5.66
N ALA A 9 -2.64 3.00 -6.71
CA ALA A 9 -1.43 3.80 -6.92
C ALA A 9 -1.10 4.67 -5.71
N GLY A 10 -0.02 4.32 -5.02
CA GLY A 10 0.40 5.08 -3.85
C GLY A 10 0.13 4.33 -2.56
N TYR A 11 -0.59 3.23 -2.65
CA TYR A 11 -0.92 2.44 -1.48
C TYR A 11 -0.30 1.05 -1.53
N MET A 12 0.45 0.72 -0.50
CA MET A 12 1.01 -0.60 -0.32
C MET A 12 0.05 -1.42 0.52
N ARG A 13 -0.06 -2.71 0.24
CA ARG A 13 -0.98 -3.54 0.99
C ARG A 13 -0.29 -4.11 2.23
N THR A 14 -1.08 -4.49 3.21
CA THR A 14 -0.55 -5.03 4.44
C THR A 14 -1.06 -6.46 4.64
N PRO A 15 -0.53 -7.20 5.64
CA PRO A 15 -1.00 -8.54 5.99
C PRO A 15 -2.47 -8.52 6.48
N ASP A 16 -2.97 -7.32 6.72
CA ASP A 16 -4.37 -7.12 7.11
C ASP A 16 -5.27 -7.16 5.88
N GLY A 17 -4.68 -6.96 4.72
CA GLY A 17 -5.44 -6.84 3.49
C GLY A 17 -5.84 -5.41 3.24
N ARG A 18 -5.36 -4.52 4.10
CA ARG A 18 -5.64 -3.10 4.01
C ARG A 18 -4.50 -2.39 3.29
N CYS A 19 -4.68 -1.11 3.00
CA CYS A 19 -3.68 -0.35 2.28
C CYS A 19 -3.10 0.76 3.15
N LYS A 20 -1.79 0.95 3.03
CA LYS A 20 -1.08 2.03 3.68
C LYS A 20 -0.35 2.82 2.61
N PRO A 21 -0.40 4.14 2.65
CA PRO A 21 0.25 4.97 1.64
C PRO A 21 1.76 5.04 1.84
N THR A 22 2.49 4.83 0.76
CA THR A 22 3.94 4.67 0.82
C THR A 22 4.65 6.00 1.04
N PHE A 23 3.88 7.06 1.31
CA PHE A 23 4.48 8.37 1.45
C PHE A 23 5.30 8.43 2.74
N TYR A 24 4.91 7.63 3.74
CA TYR A 24 5.71 7.50 4.96
C TYR A 24 7.04 6.88 4.65
N GLN A 25 7.04 6.02 3.66
CA GLN A 25 8.21 5.22 3.35
C GLN A 25 9.23 6.06 2.61
N LEU A 26 8.75 7.06 1.88
CA LEU A 26 9.65 7.95 1.17
C LEU A 26 10.05 9.18 2.02
N ILE A 27 9.28 9.51 3.06
CA ILE A 27 9.61 10.68 3.89
C ILE A 27 10.21 10.29 5.24
N THR A 28 10.08 9.04 5.63
CA THR A 28 10.54 8.60 6.93
C THR A 28 11.06 7.17 6.86
N GLU A 1 -6.03 -8.70 -11.20
CA GLU A 1 -4.70 -9.18 -10.74
C GLU A 1 -4.42 -8.63 -9.35
N ASN A 2 -3.75 -9.42 -8.52
CA ASN A 2 -3.30 -8.94 -7.21
C ASN A 2 -1.88 -8.41 -7.31
N PHE A 3 -1.17 -8.85 -8.34
CA PHE A 3 0.19 -8.42 -8.58
C PHE A 3 0.19 -7.03 -9.23
N SER A 4 -0.13 -6.02 -8.43
CA SER A 4 -0.17 -4.65 -8.91
C SER A 4 0.70 -3.75 -8.03
N GLY A 5 1.36 -4.35 -7.05
CA GLY A 5 2.20 -3.61 -6.14
C GLY A 5 1.63 -3.55 -4.75
N GLY A 6 0.31 -3.58 -4.66
CA GLY A 6 -0.34 -3.57 -3.36
C GLY A 6 -1.80 -3.22 -3.45
N CYS A 7 -2.11 -1.95 -3.21
CA CYS A 7 -3.48 -1.47 -3.23
C CYS A 7 -3.66 -0.48 -4.38
N VAL A 8 -3.47 0.79 -4.05
CA VAL A 8 -3.56 1.86 -5.02
C VAL A 8 -2.16 2.14 -5.59
N ALA A 9 -2.06 3.07 -6.55
CA ALA A 9 -0.77 3.41 -7.16
C ALA A 9 0.26 3.88 -6.13
N GLY A 10 -0.22 4.55 -5.09
CA GLY A 10 0.66 5.00 -4.03
C GLY A 10 0.36 4.30 -2.72
N TYR A 11 -0.35 3.19 -2.81
CA TYR A 11 -0.78 2.46 -1.64
C TYR A 11 -0.32 1.01 -1.70
N MET A 12 0.40 0.60 -0.67
CA MET A 12 0.80 -0.77 -0.53
C MET A 12 -0.29 -1.53 0.22
N ARG A 13 -0.19 -2.84 0.29
CA ARG A 13 -1.20 -3.62 0.98
C ARG A 13 -0.57 -4.49 2.04
N THR A 14 -1.15 -4.48 3.23
CA THR A 14 -0.62 -5.24 4.34
C THR A 14 -1.23 -6.64 4.35
N PRO A 15 -0.68 -7.55 5.17
CA PRO A 15 -1.22 -8.91 5.34
C PRO A 15 -2.63 -8.90 5.94
N ASP A 16 -2.99 -7.75 6.53
CA ASP A 16 -4.30 -7.56 7.12
C ASP A 16 -5.33 -7.24 6.04
N GLY A 17 -4.83 -6.94 4.84
CA GLY A 17 -5.69 -6.55 3.75
C GLY A 17 -5.98 -5.07 3.80
N ARG A 18 -5.15 -4.35 4.55
CA ARG A 18 -5.33 -2.94 4.75
C ARG A 18 -4.42 -2.17 3.79
N CYS A 19 -4.95 -1.09 3.21
CA CYS A 19 -4.17 -0.29 2.28
C CYS A 19 -3.40 0.79 3.05
N LYS A 20 -2.10 0.79 2.86
CA LYS A 20 -1.22 1.72 3.56
C LYS A 20 -0.42 2.53 2.55
N PRO A 21 -0.35 3.85 2.70
CA PRO A 21 0.36 4.71 1.76
C PRO A 21 1.86 4.75 2.01
N THR A 22 2.62 4.52 0.96
CA THR A 22 4.07 4.46 1.05
C THR A 22 4.70 5.84 1.17
N PHE A 23 3.90 6.87 1.45
CA PHE A 23 4.43 8.22 1.46
C PHE A 23 5.27 8.46 2.70
N TYR A 24 4.98 7.69 3.75
CA TYR A 24 5.84 7.68 4.95
C TYR A 24 7.20 7.16 4.60
N GLN A 25 7.23 6.24 3.66
CA GLN A 25 8.45 5.59 3.26
C GLN A 25 9.25 6.50 2.34
N LEU A 26 8.54 7.47 1.76
CA LEU A 26 9.17 8.52 0.96
C LEU A 26 9.71 9.61 1.90
N ILE A 27 8.95 9.89 2.95
CA ILE A 27 9.29 10.95 3.89
C ILE A 27 10.35 10.48 4.89
N THR A 28 10.01 9.48 5.67
CA THR A 28 10.89 9.00 6.73
C THR A 28 11.30 7.55 6.49
N GLU A 1 -13.28 -3.01 -6.30
CA GLU A 1 -13.30 -3.57 -4.93
C GLU A 1 -12.57 -4.90 -4.90
N ASN A 2 -11.47 -4.95 -4.17
CA ASN A 2 -10.67 -6.17 -4.05
C ASN A 2 -10.37 -6.43 -2.59
N PHE A 3 -10.85 -7.58 -2.10
CA PHE A 3 -10.77 -7.92 -0.67
C PHE A 3 -9.37 -7.82 -0.09
N SER A 4 -8.36 -8.18 -0.89
CA SER A 4 -6.98 -8.11 -0.43
C SER A 4 -6.12 -7.37 -1.44
N GLY A 5 -6.74 -6.66 -2.37
CA GLY A 5 -6.00 -5.98 -3.41
C GLY A 5 -6.55 -4.60 -3.71
N GLY A 6 -7.20 -3.98 -2.73
CA GLY A 6 -7.79 -2.67 -2.94
C GLY A 6 -6.81 -1.53 -2.66
N CYS A 7 -5.53 -1.80 -2.87
CA CYS A 7 -4.49 -0.81 -2.59
C CYS A 7 -3.78 -0.43 -3.89
N VAL A 8 -3.93 0.83 -4.29
CA VAL A 8 -3.40 1.30 -5.57
C VAL A 8 -1.89 1.56 -5.52
N ALA A 9 -1.36 2.17 -6.58
CA ALA A 9 0.08 2.38 -6.74
C ALA A 9 0.68 3.18 -5.58
N GLY A 10 -0.08 4.16 -5.07
CA GLY A 10 0.42 4.98 -3.98
C GLY A 10 0.26 4.31 -2.63
N TYR A 11 -0.09 3.04 -2.65
CA TYR A 11 -0.32 2.29 -1.43
C TYR A 11 0.44 0.98 -1.43
N MET A 12 0.94 0.65 -0.25
CA MET A 12 1.52 -0.64 0.02
C MET A 12 0.54 -1.43 0.86
N ARG A 13 0.22 -2.65 0.44
CA ARG A 13 -0.84 -3.40 1.10
C ARG A 13 -0.29 -4.27 2.21
N THR A 14 -1.13 -4.55 3.18
CA THR A 14 -0.75 -5.36 4.33
C THR A 14 -1.37 -6.75 4.21
N PRO A 15 -0.92 -7.71 5.04
CA PRO A 15 -1.51 -9.08 5.07
C PRO A 15 -2.96 -9.07 5.53
N ASP A 16 -3.38 -7.95 6.10
CA ASP A 16 -4.76 -7.75 6.53
C ASP A 16 -5.64 -7.42 5.33
N GLY A 17 -5.01 -6.88 4.29
CA GLY A 17 -5.75 -6.36 3.16
C GLY A 17 -5.90 -4.86 3.26
N ARG A 18 -5.46 -4.32 4.39
CA ARG A 18 -5.51 -2.90 4.65
C ARG A 18 -4.36 -2.19 3.94
N CYS A 19 -4.65 -1.05 3.33
CA CYS A 19 -3.66 -0.30 2.59
C CYS A 19 -2.89 0.66 3.49
N LYS A 20 -1.60 0.79 3.24
CA LYS A 20 -0.76 1.73 3.92
C LYS A 20 -0.14 2.65 2.87
N PRO A 21 -0.20 3.96 3.05
CA PRO A 21 0.33 4.89 2.06
C PRO A 21 1.84 4.98 2.08
N THR A 22 2.44 4.87 0.90
CA THR A 22 3.89 4.86 0.75
C THR A 22 4.49 6.25 0.98
N PHE A 23 3.68 7.18 1.46
CA PHE A 23 4.16 8.54 1.67
C PHE A 23 5.09 8.57 2.87
N TYR A 24 4.92 7.61 3.78
CA TYR A 24 5.86 7.44 4.88
C TYR A 24 7.20 7.02 4.32
N GLN A 25 7.15 6.27 3.24
CA GLN A 25 8.34 5.68 2.66
C GLN A 25 9.12 6.73 1.86
N LEU A 26 8.43 7.78 1.44
CA LEU A 26 9.11 8.87 0.75
C LEU A 26 9.60 9.94 1.73
N ILE A 27 8.98 10.04 2.90
CA ILE A 27 9.41 11.05 3.88
C ILE A 27 10.40 10.47 4.89
N THR A 28 10.11 9.28 5.39
CA THR A 28 10.98 8.63 6.36
C THR A 28 11.61 7.38 5.76
N GLU A 1 -9.99 1.25 -1.22
CA GLU A 1 -9.77 -0.16 -0.81
C GLU A 1 -10.76 -1.04 -1.55
N ASN A 2 -10.28 -2.18 -2.02
CA ASN A 2 -11.13 -3.14 -2.70
C ASN A 2 -11.07 -4.48 -1.99
N PHE A 3 -12.21 -5.14 -1.83
CA PHE A 3 -12.27 -6.40 -1.10
C PHE A 3 -11.64 -7.53 -1.91
N SER A 4 -11.13 -7.18 -3.08
CA SER A 4 -10.37 -8.10 -3.89
C SER A 4 -9.00 -8.34 -3.25
N GLY A 5 -8.62 -7.42 -2.37
CA GLY A 5 -7.35 -7.53 -1.68
C GLY A 5 -6.21 -6.93 -2.48
N GLY A 6 -6.17 -5.61 -2.54
CA GLY A 6 -5.15 -4.93 -3.32
C GLY A 6 -5.28 -3.44 -3.19
N CYS A 7 -4.17 -2.73 -3.39
CA CYS A 7 -4.16 -1.30 -3.20
C CYS A 7 -3.43 -0.59 -4.33
N VAL A 8 -3.69 0.70 -4.51
CA VAL A 8 -3.10 1.47 -5.60
C VAL A 8 -1.61 1.73 -5.38
N ALA A 9 -0.98 2.43 -6.31
CA ALA A 9 0.47 2.62 -6.30
C ALA A 9 0.93 3.45 -5.10
N GLY A 10 0.04 4.28 -4.58
CA GLY A 10 0.39 5.10 -3.42
C GLY A 10 0.18 4.36 -2.12
N TYR A 11 -0.32 3.14 -2.21
CA TYR A 11 -0.65 2.35 -1.04
C TYR A 11 0.03 0.98 -1.08
N MET A 12 0.74 0.69 -0.02
CA MET A 12 1.28 -0.63 0.19
C MET A 12 0.26 -1.47 0.95
N ARG A 13 -0.23 -2.52 0.32
CA ARG A 13 -1.24 -3.35 0.96
C ARG A 13 -0.60 -4.27 1.98
N THR A 14 -1.34 -4.58 3.02
CA THR A 14 -0.82 -5.32 4.14
C THR A 14 -1.39 -6.74 4.16
N PRO A 15 -0.88 -7.61 5.06
CA PRO A 15 -1.44 -8.96 5.25
C PRO A 15 -2.84 -8.91 5.85
N ASP A 16 -3.27 -7.71 6.20
CA ASP A 16 -4.62 -7.47 6.66
C ASP A 16 -5.55 -7.39 5.45
N GLY A 17 -5.02 -6.87 4.35
CA GLY A 17 -5.79 -6.74 3.14
C GLY A 17 -6.02 -5.28 2.78
N ARG A 18 -5.99 -4.43 3.80
CA ARG A 18 -6.21 -3.00 3.61
C ARG A 18 -4.90 -2.29 3.26
N CYS A 19 -4.99 -0.99 3.08
CA CYS A 19 -3.89 -0.23 2.51
C CYS A 19 -3.12 0.57 3.57
N LYS A 20 -1.81 0.58 3.41
CA LYS A 20 -0.92 1.41 4.19
C LYS A 20 -0.27 2.44 3.26
N PRO A 21 -0.15 3.69 3.68
CA PRO A 21 0.35 4.75 2.80
C PRO A 21 1.87 4.82 2.72
N THR A 22 2.40 4.61 1.53
CA THR A 22 3.85 4.55 1.34
C THR A 22 4.50 5.95 1.37
N PHE A 23 3.72 6.96 1.75
CA PHE A 23 4.20 8.33 1.68
C PHE A 23 5.26 8.59 2.75
N TYR A 24 5.23 7.79 3.81
CA TYR A 24 6.28 7.84 4.84
C TYR A 24 7.61 7.49 4.22
N GLN A 25 7.55 6.54 3.29
CA GLN A 25 8.75 6.03 2.66
C GLN A 25 9.24 7.01 1.62
N LEU A 26 8.32 7.81 1.11
CA LEU A 26 8.67 8.91 0.23
C LEU A 26 9.34 10.03 1.03
N ILE A 27 8.94 10.14 2.28
CA ILE A 27 9.45 11.18 3.18
C ILE A 27 10.82 10.79 3.73
N THR A 28 10.94 9.57 4.22
CA THR A 28 12.20 9.11 4.76
C THR A 28 12.60 7.78 4.10
N GLU A 1 -5.30 -16.20 -2.35
CA GLU A 1 -6.61 -15.51 -2.46
C GLU A 1 -6.49 -14.30 -3.39
N ASN A 2 -5.78 -13.28 -2.93
CA ASN A 2 -5.59 -12.08 -3.72
C ASN A 2 -4.12 -11.94 -4.10
N PHE A 3 -3.87 -11.27 -5.21
CA PHE A 3 -2.50 -11.05 -5.67
C PHE A 3 -1.93 -9.77 -5.07
N SER A 4 -0.61 -9.68 -5.03
CA SER A 4 0.06 -8.53 -4.44
C SER A 4 0.04 -7.34 -5.41
N GLY A 5 -1.10 -6.66 -5.45
CA GLY A 5 -1.25 -5.49 -6.29
C GLY A 5 -2.67 -5.02 -6.35
N GLY A 6 -3.37 -5.10 -5.21
CA GLY A 6 -4.78 -4.78 -5.17
C GLY A 6 -5.08 -3.37 -4.69
N CYS A 7 -4.06 -2.65 -4.25
CA CYS A 7 -4.23 -1.29 -3.81
C CYS A 7 -3.81 -0.32 -4.91
N VAL A 8 -4.44 0.85 -4.95
CA VAL A 8 -4.19 1.84 -5.99
C VAL A 8 -2.82 2.47 -5.85
N ALA A 9 -2.44 3.25 -6.86
CA ALA A 9 -1.15 3.93 -6.89
C ALA A 9 -0.86 4.67 -5.59
N GLY A 10 0.32 4.42 -5.03
CA GLY A 10 0.69 5.04 -3.77
C GLY A 10 0.39 4.14 -2.59
N TYR A 11 -0.57 3.24 -2.77
CA TYR A 11 -0.98 2.34 -1.72
C TYR A 11 -0.47 0.93 -1.98
N MET A 12 -0.16 0.24 -0.89
CA MET A 12 0.29 -1.14 -0.97
C MET A 12 -0.51 -1.99 0.01
N ARG A 13 -0.83 -3.22 -0.37
CA ARG A 13 -1.66 -4.08 0.45
C ARG A 13 -0.81 -4.84 1.45
N THR A 14 -0.94 -4.46 2.71
CA THR A 14 -0.13 -5.02 3.77
C THR A 14 -0.77 -6.29 4.32
N PRO A 15 -0.06 -7.03 5.20
CA PRO A 15 -0.56 -8.28 5.81
C PRO A 15 -1.84 -8.05 6.65
N ASP A 16 -2.16 -6.79 6.90
CA ASP A 16 -3.35 -6.44 7.66
C ASP A 16 -4.59 -6.54 6.78
N GLY A 17 -4.37 -6.60 5.47
CA GLY A 17 -5.46 -6.61 4.52
C GLY A 17 -5.92 -5.20 4.22
N ARG A 18 -5.05 -4.24 4.49
CA ARG A 18 -5.37 -2.84 4.26
C ARG A 18 -4.34 -2.21 3.33
N CYS A 19 -4.68 -1.05 2.80
CA CYS A 19 -3.79 -0.31 1.94
C CYS A 19 -3.02 0.75 2.73
N LYS A 20 -1.71 0.57 2.81
CA LYS A 20 -0.84 1.54 3.47
C LYS A 20 -0.08 2.30 2.41
N PRO A 21 0.01 3.62 2.51
CA PRO A 21 0.68 4.43 1.51
C PRO A 21 2.16 4.62 1.80
N THR A 22 2.99 4.19 0.87
CA THR A 22 4.43 4.14 1.08
C THR A 22 5.04 5.55 1.10
N PHE A 23 4.21 6.57 0.94
CA PHE A 23 4.70 7.93 0.85
C PHE A 23 5.28 8.36 2.19
N TYR A 24 4.69 7.90 3.27
CA TYR A 24 5.15 8.29 4.58
C TYR A 24 6.38 7.48 4.95
N GLN A 25 6.61 6.39 4.24
CA GLN A 25 7.80 5.57 4.46
C GLN A 25 9.00 6.21 3.80
N LEU A 26 8.76 6.96 2.73
CA LEU A 26 9.85 7.66 2.08
C LEU A 26 10.15 8.99 2.78
N ILE A 27 9.20 9.53 3.52
CA ILE A 27 9.45 10.77 4.26
C ILE A 27 10.05 10.55 5.65
N THR A 28 9.74 9.43 6.30
CA THR A 28 10.32 9.17 7.62
C THR A 28 11.16 7.89 7.61
N GLU A 1 -16.24 0.51 -6.58
CA GLU A 1 -15.18 0.80 -7.57
C GLU A 1 -13.81 0.38 -7.05
N ASN A 2 -13.73 -0.82 -6.51
CA ASN A 2 -12.50 -1.33 -5.91
C ASN A 2 -11.96 -2.51 -6.71
N PHE A 3 -12.38 -2.59 -7.97
CA PHE A 3 -11.99 -3.70 -8.84
C PHE A 3 -10.54 -3.54 -9.29
N SER A 4 -10.02 -2.31 -9.18
CA SER A 4 -8.64 -2.04 -9.57
C SER A 4 -7.66 -2.61 -8.54
N GLY A 5 -7.96 -3.80 -8.06
CA GLY A 5 -7.09 -4.48 -7.12
C GLY A 5 -7.49 -4.23 -5.69
N GLY A 6 -7.31 -3.01 -5.22
CA GLY A 6 -7.71 -2.64 -3.89
C GLY A 6 -6.85 -1.52 -3.34
N CYS A 7 -5.55 -1.73 -3.37
CA CYS A 7 -4.60 -0.73 -2.93
C CYS A 7 -3.79 -0.23 -4.12
N VAL A 8 -3.99 1.03 -4.48
CA VAL A 8 -3.39 1.60 -5.68
C VAL A 8 -1.88 1.78 -5.55
N ALA A 9 -1.26 2.33 -6.59
CA ALA A 9 0.20 2.45 -6.69
C ALA A 9 0.80 3.26 -5.54
N GLY A 10 0.06 4.24 -5.05
CA GLY A 10 0.55 5.06 -3.97
C GLY A 10 0.38 4.38 -2.62
N TYR A 11 -0.20 3.20 -2.64
CA TYR A 11 -0.44 2.44 -1.43
C TYR A 11 0.28 1.11 -1.47
N MET A 12 0.28 0.46 -0.33
CA MET A 12 0.86 -0.86 -0.20
C MET A 12 -0.07 -1.73 0.62
N ARG A 13 -0.44 -2.88 0.10
CA ARG A 13 -1.38 -3.74 0.78
C ARG A 13 -0.68 -4.54 1.87
N THR A 14 -1.12 -4.34 3.09
CA THR A 14 -0.52 -5.00 4.23
C THR A 14 -1.07 -6.43 4.33
N PRO A 15 -0.49 -7.26 5.21
CA PRO A 15 -0.97 -8.63 5.45
C PRO A 15 -2.38 -8.66 6.03
N ASP A 16 -2.89 -7.49 6.41
CA ASP A 16 -4.26 -7.36 6.90
C ASP A 16 -5.22 -7.37 5.74
N GLY A 17 -4.74 -6.93 4.59
CA GLY A 17 -5.60 -6.66 3.47
C GLY A 17 -6.03 -5.21 3.47
N ARG A 18 -5.22 -4.36 4.10
CA ARG A 18 -5.50 -2.94 4.16
C ARG A 18 -4.43 -2.18 3.39
N CYS A 19 -4.75 -0.96 2.98
CA CYS A 19 -3.82 -0.14 2.24
C CYS A 19 -3.04 0.79 3.17
N LYS A 20 -1.72 0.64 3.18
CA LYS A 20 -0.86 1.56 3.88
C LYS A 20 -0.25 2.49 2.87
N PRO A 21 -0.22 3.78 3.12
CA PRO A 21 0.31 4.74 2.17
C PRO A 21 1.83 4.83 2.20
N THR A 22 2.45 4.70 1.03
CA THR A 22 3.90 4.62 0.92
C THR A 22 4.55 5.99 1.14
N PHE A 23 3.74 6.98 1.54
CA PHE A 23 4.24 8.34 1.67
C PHE A 23 5.16 8.45 2.89
N TYR A 24 4.94 7.60 3.88
CA TYR A 24 5.83 7.53 5.03
C TYR A 24 7.21 7.08 4.58
N GLN A 25 7.23 6.23 3.58
CA GLN A 25 8.45 5.61 3.12
C GLN A 25 9.24 6.56 2.25
N LEU A 26 8.55 7.50 1.62
CA LEU A 26 9.21 8.53 0.83
C LEU A 26 9.53 9.76 1.69
N ILE A 27 8.85 9.89 2.82
CA ILE A 27 9.13 10.97 3.77
C ILE A 27 10.29 10.58 4.68
N THR A 28 10.18 9.40 5.28
CA THR A 28 11.17 8.92 6.22
C THR A 28 11.80 7.63 5.71
N GLU A 1 11.92 -5.72 -1.79
CA GLU A 1 10.89 -6.80 -1.74
C GLU A 1 9.61 -6.32 -2.40
N ASN A 2 9.17 -5.11 -2.06
CA ASN A 2 7.98 -4.54 -2.66
C ASN A 2 8.33 -3.74 -3.90
N PHE A 3 7.60 -3.96 -4.97
CA PHE A 3 7.79 -3.23 -6.21
C PHE A 3 7.00 -1.92 -6.19
N SER A 4 6.57 -1.52 -5.00
CA SER A 4 5.75 -0.33 -4.80
C SER A 4 4.37 -0.49 -5.40
N GLY A 5 3.40 -0.73 -4.53
CA GLY A 5 2.04 -0.90 -4.98
C GLY A 5 1.38 -2.08 -4.30
N GLY A 6 0.48 -2.72 -5.02
CA GLY A 6 -0.28 -3.82 -4.48
C GLY A 6 -1.71 -3.42 -4.28
N CYS A 7 -1.88 -2.26 -3.70
CA CYS A 7 -3.16 -1.62 -3.64
C CYS A 7 -3.26 -0.64 -4.81
N VAL A 8 -3.65 0.59 -4.53
CA VAL A 8 -3.77 1.60 -5.56
C VAL A 8 -2.46 2.39 -5.69
N ALA A 9 -2.49 3.42 -6.51
CA ALA A 9 -1.31 4.26 -6.74
C ALA A 9 -0.78 4.85 -5.44
N GLY A 10 0.40 4.41 -5.03
CA GLY A 10 1.02 4.93 -3.82
C GLY A 10 0.69 4.10 -2.59
N TYR A 11 -0.19 3.12 -2.75
CA TYR A 11 -0.63 2.31 -1.63
C TYR A 11 -0.14 0.87 -1.73
N MET A 12 0.44 0.40 -0.64
CA MET A 12 0.88 -0.97 -0.53
C MET A 12 -0.21 -1.80 0.16
N ARG A 13 -0.29 -3.08 -0.18
CA ARG A 13 -1.26 -3.96 0.44
C ARG A 13 -0.63 -4.62 1.66
N THR A 14 -1.30 -4.56 2.79
CA THR A 14 -0.77 -5.12 4.02
C THR A 14 -1.34 -6.52 4.27
N PRO A 15 -0.66 -7.33 5.10
CA PRO A 15 -1.14 -8.68 5.47
C PRO A 15 -2.42 -8.60 6.32
N ASP A 16 -2.79 -7.38 6.70
CA ASP A 16 -4.03 -7.15 7.43
C ASP A 16 -5.21 -7.13 6.47
N GLY A 17 -4.96 -6.65 5.25
CA GLY A 17 -6.00 -6.59 4.25
C GLY A 17 -6.26 -5.16 3.82
N ARG A 18 -5.91 -4.22 4.68
CA ARG A 18 -6.05 -2.81 4.35
C ARG A 18 -4.81 -2.31 3.62
N CYS A 19 -4.85 -1.06 3.19
CA CYS A 19 -3.74 -0.49 2.43
C CYS A 19 -2.96 0.51 3.27
N LYS A 20 -1.65 0.50 3.09
CA LYS A 20 -0.77 1.46 3.74
C LYS A 20 -0.14 2.33 2.66
N PRO A 21 -0.12 3.64 2.83
CA PRO A 21 0.46 4.52 1.84
C PRO A 21 1.97 4.66 1.98
N THR A 22 2.68 4.51 0.88
CA THR A 22 4.14 4.46 0.88
C THR A 22 4.75 5.86 1.08
N PHE A 23 3.91 6.85 1.35
CA PHE A 23 4.40 8.20 1.42
C PHE A 23 5.17 8.43 2.72
N TYR A 24 4.87 7.61 3.73
CA TYR A 24 5.65 7.63 4.96
C TYR A 24 7.05 7.14 4.67
N GLN A 25 7.14 6.24 3.73
CA GLN A 25 8.40 5.60 3.40
C GLN A 25 9.27 6.53 2.57
N LEU A 26 8.63 7.45 1.86
CA LEU A 26 9.36 8.44 1.07
C LEU A 26 9.69 9.70 1.87
N ILE A 27 8.96 9.95 2.95
CA ILE A 27 9.22 11.13 3.77
C ILE A 27 10.12 10.80 4.96
N THR A 28 9.94 9.62 5.53
CA THR A 28 10.74 9.16 6.66
C THR A 28 11.40 7.83 6.33
N GLU A 1 4.04 -14.09 -7.87
CA GLU A 1 2.62 -13.81 -8.17
C GLU A 1 2.09 -12.73 -7.23
N ASN A 2 1.86 -11.55 -7.80
CA ASN A 2 1.18 -10.46 -7.11
C ASN A 2 0.12 -9.90 -8.04
N PHE A 3 -1.14 -10.03 -7.65
CA PHE A 3 -2.28 -9.66 -8.50
C PHE A 3 -2.13 -8.25 -9.08
N SER A 4 -1.67 -7.31 -8.26
CA SER A 4 -1.47 -5.94 -8.71
C SER A 4 -0.41 -5.26 -7.86
N GLY A 5 0.41 -6.07 -7.20
CA GLY A 5 1.39 -5.53 -6.29
C GLY A 5 0.79 -5.19 -4.95
N GLY A 6 0.52 -3.91 -4.74
CA GLY A 6 -0.07 -3.48 -3.48
C GLY A 6 -1.52 -3.10 -3.64
N CYS A 7 -1.78 -1.82 -3.56
CA CYS A 7 -3.11 -1.30 -3.69
C CYS A 7 -3.11 -0.25 -4.80
N VAL A 8 -3.90 0.80 -4.65
CA VAL A 8 -3.91 1.89 -5.60
C VAL A 8 -2.58 2.66 -5.61
N ALA A 9 -2.51 3.71 -6.42
CA ALA A 9 -1.30 4.52 -6.53
C ALA A 9 -0.84 5.04 -5.17
N GLY A 10 0.44 4.78 -4.85
CA GLY A 10 0.99 5.23 -3.58
C GLY A 10 0.65 4.32 -2.43
N TYR A 11 -0.16 3.29 -2.69
CA TYR A 11 -0.64 2.41 -1.64
C TYR A 11 -0.11 1.00 -1.79
N MET A 12 0.27 0.42 -0.65
CA MET A 12 0.78 -0.94 -0.59
C MET A 12 -0.27 -1.86 0.02
N ARG A 13 -0.07 -3.16 -0.12
CA ARG A 13 -0.99 -4.13 0.44
C ARG A 13 -0.37 -4.79 1.66
N THR A 14 -0.90 -4.46 2.82
CA THR A 14 -0.38 -4.98 4.08
C THR A 14 -0.96 -6.36 4.38
N PRO A 15 -0.27 -7.14 5.24
CA PRO A 15 -0.77 -8.45 5.70
C PRO A 15 -2.06 -8.32 6.52
N ASP A 16 -2.42 -7.08 6.81
CA ASP A 16 -3.66 -6.78 7.51
C ASP A 16 -4.83 -6.84 6.53
N GLY A 17 -4.51 -6.73 5.25
CA GLY A 17 -5.54 -6.68 4.23
C GLY A 17 -5.97 -5.26 3.97
N ARG A 18 -5.16 -4.33 4.45
CA ARG A 18 -5.50 -2.91 4.38
C ARG A 18 -4.56 -2.18 3.44
N CYS A 19 -5.07 -1.16 2.76
CA CYS A 19 -4.25 -0.33 1.89
C CYS A 19 -3.56 0.76 2.71
N LYS A 20 -2.25 0.67 2.80
CA LYS A 20 -1.46 1.62 3.55
C LYS A 20 -0.60 2.41 2.57
N PRO A 21 -0.54 3.73 2.69
CA PRO A 21 0.22 4.55 1.76
C PRO A 21 1.70 4.64 2.10
N THR A 22 2.52 4.02 1.27
CA THR A 22 3.94 3.92 1.53
C THR A 22 4.66 5.25 1.27
N PHE A 23 3.88 6.29 1.01
CA PHE A 23 4.45 7.59 0.65
C PHE A 23 5.15 8.19 1.86
N TYR A 24 4.61 7.94 3.05
CA TYR A 24 5.18 8.52 4.25
C TYR A 24 6.40 7.71 4.68
N GLN A 25 6.52 6.51 4.14
CA GLN A 25 7.67 5.67 4.42
C GLN A 25 8.86 6.09 3.57
N LEU A 26 8.59 6.65 2.40
CA LEU A 26 9.67 7.19 1.56
C LEU A 26 10.11 8.57 2.05
N ILE A 27 9.20 9.32 2.66
CA ILE A 27 9.55 10.63 3.22
C ILE A 27 10.15 10.51 4.62
N THR A 28 9.70 9.52 5.38
CA THR A 28 10.21 9.32 6.73
C THR A 28 11.07 8.06 6.80
N GLU A 1 -7.41 -1.54 -16.38
CA GLU A 1 -7.88 -0.58 -15.36
C GLU A 1 -7.21 -0.88 -14.03
N ASN A 2 -7.61 -1.99 -13.41
CA ASN A 2 -7.04 -2.40 -12.14
C ASN A 2 -5.87 -3.35 -12.37
N PHE A 3 -4.78 -3.13 -11.66
CA PHE A 3 -3.67 -4.07 -11.69
C PHE A 3 -3.85 -5.13 -10.61
N SER A 4 -3.03 -6.16 -10.65
CA SER A 4 -3.13 -7.25 -9.69
C SER A 4 -2.50 -6.86 -8.36
N GLY A 5 -3.34 -6.49 -7.41
CA GLY A 5 -2.86 -6.10 -6.10
C GLY A 5 -4.01 -5.74 -5.17
N GLY A 6 -4.61 -4.60 -5.42
CA GLY A 6 -5.76 -4.18 -4.64
C GLY A 6 -5.64 -2.73 -4.24
N CYS A 7 -4.49 -2.35 -3.72
CA CYS A 7 -4.23 -0.99 -3.33
C CYS A 7 -3.61 -0.23 -4.50
N VAL A 8 -4.19 0.93 -4.82
CA VAL A 8 -3.80 1.71 -6.01
C VAL A 8 -2.37 2.27 -5.90
N ALA A 9 -1.93 2.92 -6.97
CA ALA A 9 -0.59 3.50 -7.01
C ALA A 9 -0.35 4.44 -5.84
N GLY A 10 0.75 4.25 -5.16
CA GLY A 10 1.06 5.03 -3.97
C GLY A 10 0.69 4.28 -2.70
N TYR A 11 -0.14 3.26 -2.87
CA TYR A 11 -0.56 2.44 -1.75
C TYR A 11 0.00 1.03 -1.86
N MET A 12 0.28 0.46 -0.71
CA MET A 12 0.78 -0.90 -0.61
C MET A 12 -0.16 -1.69 0.28
N ARG A 13 -0.50 -2.92 -0.13
CA ARG A 13 -1.37 -3.73 0.70
C ARG A 13 -0.54 -4.38 1.79
N THR A 14 -1.19 -4.69 2.88
CA THR A 14 -0.52 -5.20 4.05
C THR A 14 -1.11 -6.54 4.44
N PRO A 15 -0.40 -7.33 5.27
CA PRO A 15 -0.88 -8.65 5.72
C PRO A 15 -2.12 -8.56 6.61
N ASP A 16 -2.67 -7.35 6.74
CA ASP A 16 -3.91 -7.16 7.46
C ASP A 16 -5.08 -7.15 6.50
N GLY A 17 -4.80 -7.01 5.20
CA GLY A 17 -5.85 -6.88 4.22
C GLY A 17 -6.33 -5.43 4.12
N ARG A 18 -5.40 -4.51 4.38
CA ARG A 18 -5.67 -3.09 4.30
C ARG A 18 -4.54 -2.41 3.54
N CYS A 19 -4.70 -1.15 3.22
CA CYS A 19 -3.70 -0.44 2.43
C CYS A 19 -2.96 0.59 3.27
N LYS A 20 -1.67 0.69 3.01
CA LYS A 20 -0.82 1.68 3.65
C LYS A 20 -0.17 2.51 2.56
N PRO A 21 -0.17 3.83 2.70
CA PRO A 21 0.43 4.70 1.70
C PRO A 21 1.93 4.85 1.87
N THR A 22 2.67 4.68 0.79
CA THR A 22 4.11 4.63 0.83
C THR A 22 4.73 6.02 1.03
N PHE A 23 3.89 7.02 1.30
CA PHE A 23 4.41 8.37 1.41
C PHE A 23 5.16 8.54 2.73
N TYR A 24 4.80 7.73 3.72
CA TYR A 24 5.58 7.64 4.95
C TYR A 24 6.97 7.17 4.64
N GLN A 25 7.04 6.23 3.73
CA GLN A 25 8.29 5.59 3.38
C GLN A 25 9.11 6.49 2.45
N LEU A 26 8.44 7.53 1.94
CA LEU A 26 9.12 8.60 1.23
C LEU A 26 9.68 9.60 2.23
N ILE A 27 9.00 9.70 3.37
CA ILE A 27 9.35 10.60 4.43
C ILE A 27 10.49 10.02 5.27
N THR A 28 10.43 8.72 5.53
CA THR A 28 11.42 8.04 6.33
C THR A 28 12.72 7.84 5.52
N GLU A 1 -14.91 -5.43 -9.12
CA GLU A 1 -14.09 -4.26 -8.72
C GLU A 1 -12.61 -4.64 -8.62
N ASN A 2 -12.26 -5.41 -7.61
CA ASN A 2 -10.88 -5.72 -7.30
C ASN A 2 -10.79 -7.07 -6.61
N PHE A 3 -9.58 -7.58 -6.48
CA PHE A 3 -9.37 -8.85 -5.79
C PHE A 3 -9.13 -8.60 -4.30
N SER A 4 -8.95 -9.67 -3.53
CA SER A 4 -8.82 -9.54 -2.09
C SER A 4 -7.46 -8.98 -1.71
N GLY A 5 -7.38 -7.66 -1.62
CA GLY A 5 -6.16 -6.99 -1.23
C GLY A 5 -5.43 -6.38 -2.40
N GLY A 6 -6.02 -5.33 -2.97
CA GLY A 6 -5.45 -4.69 -4.14
C GLY A 6 -5.41 -3.21 -3.99
N CYS A 7 -4.38 -2.70 -3.33
CA CYS A 7 -4.27 -1.28 -3.05
C CYS A 7 -3.64 -0.55 -4.24
N VAL A 8 -4.08 0.69 -4.46
CA VAL A 8 -3.68 1.47 -5.62
C VAL A 8 -2.24 1.93 -5.52
N ALA A 9 -1.75 2.53 -6.61
CA ALA A 9 -0.38 3.06 -6.64
C ALA A 9 -0.20 4.13 -5.58
N GLY A 10 0.84 3.98 -4.78
CA GLY A 10 1.05 4.88 -3.67
C GLY A 10 0.61 4.24 -2.35
N TYR A 11 -0.11 3.14 -2.48
CA TYR A 11 -0.59 2.43 -1.31
C TYR A 11 -0.05 1.01 -1.25
N MET A 12 0.79 0.79 -0.27
CA MET A 12 1.34 -0.53 0.00
C MET A 12 0.36 -1.31 0.87
N ARG A 13 -0.05 -2.48 0.42
CA ARG A 13 -1.05 -3.24 1.13
C ARG A 13 -0.44 -4.00 2.31
N THR A 14 -1.28 -4.28 3.29
CA THR A 14 -0.85 -4.94 4.50
C THR A 14 -1.22 -6.43 4.44
N PRO A 15 -0.74 -7.24 5.40
CA PRO A 15 -1.09 -8.67 5.47
C PRO A 15 -2.59 -8.90 5.62
N ASP A 16 -3.27 -7.95 6.26
CA ASP A 16 -4.70 -8.09 6.53
C ASP A 16 -5.53 -7.77 5.30
N GLY A 17 -4.90 -7.13 4.32
CA GLY A 17 -5.59 -6.78 3.11
C GLY A 17 -5.98 -5.32 3.10
N ARG A 18 -5.47 -4.57 4.05
CA ARG A 18 -5.73 -3.14 4.12
C ARG A 18 -4.61 -2.39 3.43
N CYS A 19 -4.71 -1.07 3.38
CA CYS A 19 -3.74 -0.28 2.64
C CYS A 19 -3.00 0.68 3.57
N LYS A 20 -1.76 0.96 3.21
CA LYS A 20 -0.93 1.93 3.90
C LYS A 20 -0.25 2.81 2.86
N PRO A 21 -0.32 4.13 3.03
CA PRO A 21 0.28 5.05 2.07
C PRO A 21 1.80 5.06 2.16
N THR A 22 2.45 4.69 1.08
CA THR A 22 3.89 4.51 1.06
C THR A 22 4.62 5.85 1.13
N PHE A 23 3.87 6.94 1.27
CA PHE A 23 4.47 8.26 1.26
C PHE A 23 5.29 8.49 2.53
N TYR A 24 4.94 7.78 3.60
CA TYR A 24 5.76 7.79 4.80
C TYR A 24 7.16 7.32 4.48
N GLN A 25 7.21 6.30 3.64
CA GLN A 25 8.46 5.67 3.29
C GLN A 25 9.21 6.53 2.27
N LEU A 26 8.48 7.41 1.62
CA LEU A 26 9.06 8.38 0.70
C LEU A 26 9.57 9.60 1.48
N ILE A 27 9.02 9.79 2.66
CA ILE A 27 9.36 10.93 3.51
C ILE A 27 10.54 10.60 4.42
N THR A 28 10.45 9.47 5.10
CA THR A 28 11.46 9.07 6.07
C THR A 28 12.81 8.82 5.40
N GLU A 1 4.73 -12.13 -6.56
CA GLU A 1 5.40 -10.88 -6.14
C GLU A 1 4.70 -9.67 -6.74
N ASN A 2 4.82 -8.52 -6.07
CA ASN A 2 4.19 -7.30 -6.52
C ASN A 2 5.14 -6.13 -6.33
N PHE A 3 5.43 -5.41 -7.41
CA PHE A 3 6.38 -4.29 -7.37
C PHE A 3 5.74 -3.05 -6.73
N SER A 4 5.53 -3.13 -5.40
CA SER A 4 4.95 -2.03 -4.61
C SER A 4 3.45 -1.84 -4.92
N GLY A 5 2.98 -2.45 -5.99
CA GLY A 5 1.57 -2.34 -6.35
C GLY A 5 0.72 -3.27 -5.52
N GLY A 6 0.60 -2.98 -4.23
CA GLY A 6 -0.21 -3.78 -3.34
C GLY A 6 -1.66 -3.39 -3.39
N CYS A 7 -1.90 -2.09 -3.32
CA CYS A 7 -3.24 -1.57 -3.36
C CYS A 7 -3.38 -0.51 -4.45
N VAL A 8 -3.22 0.74 -4.07
CA VAL A 8 -3.33 1.85 -5.00
C VAL A 8 -1.95 2.21 -5.53
N ALA A 9 -1.88 3.21 -6.41
CA ALA A 9 -0.61 3.64 -7.00
C ALA A 9 0.37 4.13 -5.93
N GLY A 10 -0.15 4.72 -4.87
CA GLY A 10 0.69 5.16 -3.77
C GLY A 10 0.34 4.44 -2.49
N TYR A 11 -0.32 3.29 -2.62
CA TYR A 11 -0.76 2.53 -1.46
C TYR A 11 -0.27 1.10 -1.51
N MET A 12 0.52 0.75 -0.52
CA MET A 12 0.95 -0.62 -0.31
C MET A 12 -0.18 -1.38 0.37
N ARG A 13 -0.14 -2.70 0.32
CA ARG A 13 -1.12 -3.47 1.05
C ARG A 13 -0.48 -4.12 2.27
N THR A 14 -1.26 -4.32 3.30
CA THR A 14 -0.77 -4.92 4.52
C THR A 14 -1.15 -6.41 4.56
N PRO A 15 -0.53 -7.19 5.47
CA PRO A 15 -0.85 -8.60 5.65
C PRO A 15 -2.31 -8.81 6.08
N ASP A 16 -2.93 -7.71 6.50
CA ASP A 16 -4.33 -7.72 6.92
C ASP A 16 -5.25 -7.69 5.70
N GLY A 17 -4.82 -6.96 4.69
CA GLY A 17 -5.64 -6.76 3.51
C GLY A 17 -6.02 -5.30 3.37
N ARG A 18 -5.79 -4.55 4.43
CA ARG A 18 -5.98 -3.10 4.42
C ARG A 18 -4.80 -2.44 3.72
N CYS A 19 -5.00 -1.24 3.22
CA CYS A 19 -3.98 -0.56 2.46
C CYS A 19 -3.30 0.53 3.30
N LYS A 20 -2.04 0.81 2.99
CA LYS A 20 -1.27 1.83 3.69
C LYS A 20 -0.55 2.69 2.66
N PRO A 21 -0.51 4.00 2.82
CA PRO A 21 0.15 4.89 1.87
C PRO A 21 1.67 4.90 2.02
N THR A 22 2.37 4.60 0.94
CA THR A 22 3.81 4.44 0.96
C THR A 22 4.53 5.79 1.06
N PHE A 23 3.77 6.87 1.27
CA PHE A 23 4.37 8.21 1.27
C PHE A 23 5.22 8.39 2.52
N TYR A 24 4.89 7.67 3.60
CA TYR A 24 5.72 7.64 4.79
C TYR A 24 7.10 7.13 4.44
N GLN A 25 7.11 6.15 3.56
CA GLN A 25 8.33 5.47 3.18
C GLN A 25 9.12 6.33 2.21
N LEU A 26 8.43 7.27 1.59
CA LEU A 26 9.06 8.28 0.76
C LEU A 26 9.64 9.39 1.63
N ILE A 27 9.04 9.58 2.79
CA ILE A 27 9.42 10.62 3.73
C ILE A 27 10.61 10.16 4.59
N THR A 28 10.57 8.93 5.07
CA THR A 28 11.59 8.38 5.94
C THR A 28 12.88 8.12 5.17
N GLU A 1 2.76 -2.96 -14.70
CA GLU A 1 1.97 -1.73 -14.41
C GLU A 1 1.53 -1.70 -12.95
N ASN A 2 0.55 -2.53 -12.62
CA ASN A 2 0.01 -2.56 -11.27
C ASN A 2 0.53 -3.77 -10.51
N PHE A 3 0.85 -3.57 -9.25
CA PHE A 3 1.31 -4.65 -8.40
C PHE A 3 0.13 -5.28 -7.70
N SER A 4 0.25 -6.55 -7.31
CA SER A 4 -0.85 -7.24 -6.67
C SER A 4 -0.99 -6.79 -5.22
N GLY A 5 -1.55 -5.60 -5.05
CA GLY A 5 -1.83 -5.08 -3.72
C GLY A 5 -3.30 -4.80 -3.53
N GLY A 6 -3.99 -4.54 -4.65
CA GLY A 6 -5.42 -4.32 -4.63
C GLY A 6 -5.80 -2.92 -4.17
N CYS A 7 -4.81 -2.06 -4.02
CA CYS A 7 -5.06 -0.69 -3.65
C CYS A 7 -4.52 0.22 -4.75
N VAL A 8 -4.78 1.51 -4.64
CA VAL A 8 -4.41 2.46 -5.68
C VAL A 8 -2.90 2.73 -5.69
N ALA A 9 -2.39 3.22 -6.82
CA ALA A 9 -0.96 3.48 -7.00
C ALA A 9 -0.45 4.47 -5.95
N GLY A 10 0.49 4.00 -5.14
CA GLY A 10 0.98 4.79 -4.03
C GLY A 10 0.71 4.12 -2.71
N TYR A 11 -0.21 3.18 -2.73
CA TYR A 11 -0.56 2.41 -1.56
C TYR A 11 0.04 1.01 -1.63
N MET A 12 0.65 0.61 -0.53
CA MET A 12 1.23 -0.72 -0.39
C MET A 12 0.29 -1.55 0.48
N ARG A 13 0.28 -2.85 0.29
CA ARG A 13 -0.67 -3.71 1.01
C ARG A 13 -0.19 -3.96 2.44
N THR A 14 -1.13 -4.21 3.33
CA THR A 14 -0.79 -4.52 4.71
C THR A 14 -0.97 -6.02 4.96
N PRO A 15 -0.42 -6.55 6.06
CA PRO A 15 -0.54 -7.98 6.40
C PRO A 15 -1.99 -8.38 6.66
N ASP A 16 -2.83 -7.39 6.93
CA ASP A 16 -4.24 -7.64 7.20
C ASP A 16 -4.99 -7.86 5.90
N GLY A 17 -4.56 -7.17 4.85
CA GLY A 17 -5.28 -7.20 3.60
C GLY A 17 -5.74 -5.82 3.17
N ARG A 18 -5.41 -4.81 3.98
CA ARG A 18 -5.71 -3.43 3.65
C ARG A 18 -4.52 -2.81 2.93
N CYS A 19 -4.49 -1.50 2.85
CA CYS A 19 -3.37 -0.81 2.21
C CYS A 19 -2.98 0.46 2.96
N LYS A 20 -1.69 0.73 2.99
CA LYS A 20 -1.16 1.93 3.61
C LYS A 20 -0.29 2.65 2.60
N PRO A 21 -0.25 3.97 2.62
CA PRO A 21 0.45 4.73 1.61
C PRO A 21 1.96 4.82 1.89
N THR A 22 2.74 4.33 0.94
CA THR A 22 4.19 4.25 1.12
C THR A 22 4.85 5.63 1.03
N PHE A 23 4.02 6.67 0.97
CA PHE A 23 4.53 8.03 0.84
C PHE A 23 5.24 8.43 2.12
N TYR A 24 4.73 7.96 3.24
CA TYR A 24 5.32 8.28 4.52
C TYR A 24 6.53 7.38 4.76
N GLN A 25 6.64 6.34 3.95
CA GLN A 25 7.78 5.43 4.03
C GLN A 25 9.00 6.06 3.40
N LEU A 26 8.77 6.84 2.35
CA LEU A 26 9.86 7.54 1.68
C LEU A 26 10.24 8.83 2.42
N ILE A 27 9.27 9.49 3.05
CA ILE A 27 9.54 10.78 3.70
C ILE A 27 10.19 10.64 5.07
N THR A 28 9.58 9.90 5.98
CA THR A 28 10.12 9.80 7.32
C THR A 28 11.07 8.62 7.45
N GLU A 1 9.23 -9.01 -11.10
CA GLU A 1 9.24 -9.62 -9.75
C GLU A 1 8.96 -8.56 -8.71
N ASN A 2 7.81 -8.68 -8.06
CA ASN A 2 7.32 -7.63 -7.18
C ASN A 2 7.60 -7.99 -5.73
N PHE A 3 7.47 -7.00 -4.86
CA PHE A 3 7.67 -7.21 -3.43
C PHE A 3 6.36 -7.60 -2.74
N SER A 4 5.37 -7.99 -3.56
CA SER A 4 4.10 -8.55 -3.08
C SER A 4 3.27 -7.55 -2.28
N GLY A 5 3.62 -6.27 -2.35
CA GLY A 5 2.86 -5.26 -1.65
C GLY A 5 2.37 -4.17 -2.57
N GLY A 6 1.08 -4.16 -2.88
CA GLY A 6 0.54 -3.14 -3.75
C GLY A 6 -0.96 -2.97 -3.56
N CYS A 7 -1.46 -1.79 -3.86
CA CYS A 7 -2.88 -1.50 -3.79
C CYS A 7 -3.24 -0.42 -4.78
N VAL A 8 -3.33 0.81 -4.30
CA VAL A 8 -3.57 1.96 -5.15
C VAL A 8 -2.24 2.56 -5.58
N ALA A 9 -2.28 3.64 -6.37
CA ALA A 9 -1.07 4.26 -6.91
C ALA A 9 -0.06 4.64 -5.83
N GLY A 10 -0.56 5.03 -4.66
CA GLY A 10 0.33 5.38 -3.57
C GLY A 10 0.15 4.46 -2.38
N TYR A 11 -0.58 3.36 -2.58
CA TYR A 11 -0.93 2.47 -1.50
C TYR A 11 -0.28 1.12 -1.64
N MET A 12 0.27 0.65 -0.54
CA MET A 12 0.81 -0.68 -0.44
C MET A 12 -0.13 -1.53 0.39
N ARG A 13 -0.22 -2.81 0.09
CA ARG A 13 -1.13 -3.67 0.84
C ARG A 13 -0.39 -4.30 2.02
N THR A 14 -1.04 -4.29 3.17
CA THR A 14 -0.45 -4.81 4.38
C THR A 14 -0.89 -6.26 4.61
N PRO A 15 -0.30 -6.97 5.60
CA PRO A 15 -0.69 -8.33 5.97
C PRO A 15 -2.04 -8.36 6.69
N ASP A 16 -2.70 -7.21 6.75
CA ASP A 16 -4.02 -7.09 7.33
C ASP A 16 -5.09 -7.17 6.24
N GLY A 17 -4.64 -7.09 4.99
CA GLY A 17 -5.54 -7.19 3.86
C GLY A 17 -6.01 -5.83 3.39
N ARG A 18 -5.61 -4.79 4.11
CA ARG A 18 -5.97 -3.43 3.77
C ARG A 18 -4.80 -2.71 3.14
N CYS A 19 -4.99 -1.44 2.79
CA CYS A 19 -3.97 -0.67 2.11
C CYS A 19 -3.44 0.46 3.00
N LYS A 20 -2.15 0.74 2.87
CA LYS A 20 -1.51 1.80 3.62
C LYS A 20 -0.64 2.61 2.67
N PRO A 21 -0.63 3.94 2.80
CA PRO A 21 0.11 4.79 1.87
C PRO A 21 1.61 4.83 2.18
N THR A 22 2.40 4.26 1.28
CA THR A 22 3.83 4.11 1.49
C THR A 22 4.57 5.43 1.29
N PHE A 23 3.81 6.51 1.11
CA PHE A 23 4.41 7.80 0.78
C PHE A 23 5.24 8.31 1.95
N TYR A 24 4.76 8.06 3.16
CA TYR A 24 5.43 8.56 4.33
C TYR A 24 6.68 7.74 4.61
N GLN A 25 6.76 6.56 4.02
CA GLN A 25 7.90 5.68 4.20
C GLN A 25 9.05 6.14 3.33
N LEU A 26 8.73 6.63 2.14
CA LEU A 26 9.76 7.17 1.26
C LEU A 26 10.27 8.51 1.77
N ILE A 27 9.44 9.25 2.51
CA ILE A 27 9.88 10.51 3.10
C ILE A 27 10.58 10.33 4.44
N THR A 28 10.05 9.45 5.29
CA THR A 28 10.60 9.28 6.62
C THR A 28 11.60 8.12 6.65
N GLU A 1 -5.35 -16.49 -7.08
CA GLU A 1 -3.97 -16.05 -6.82
C GLU A 1 -3.91 -14.53 -6.74
N ASN A 2 -2.98 -14.01 -5.96
CA ASN A 2 -2.84 -12.57 -5.84
C ASN A 2 -1.49 -12.09 -6.35
N PHE A 3 -1.51 -11.07 -7.19
CA PHE A 3 -0.30 -10.48 -7.71
C PHE A 3 0.14 -9.33 -6.81
N SER A 4 1.34 -8.81 -7.02
CA SER A 4 1.83 -7.70 -6.23
C SER A 4 1.22 -6.40 -6.73
N GLY A 5 -0.02 -6.14 -6.29
CA GLY A 5 -0.72 -4.93 -6.66
C GLY A 5 -2.15 -4.98 -6.15
N GLY A 6 -2.29 -5.20 -4.85
CA GLY A 6 -3.61 -5.35 -4.26
C GLY A 6 -4.30 -4.03 -4.00
N CYS A 7 -3.53 -2.95 -4.00
CA CYS A 7 -4.10 -1.63 -3.78
C CYS A 7 -3.66 -0.68 -4.89
N VAL A 8 -4.34 0.45 -5.01
CA VAL A 8 -4.14 1.37 -6.13
C VAL A 8 -2.77 2.06 -6.06
N ALA A 9 -2.34 2.62 -7.20
CA ALA A 9 -1.06 3.30 -7.30
C ALA A 9 -0.96 4.44 -6.29
N GLY A 10 -0.05 4.29 -5.35
CA GLY A 10 0.10 5.25 -4.28
C GLY A 10 -0.07 4.57 -2.95
N TYR A 11 -0.80 3.47 -2.97
CA TYR A 11 -1.00 2.66 -1.79
C TYR A 11 -0.28 1.35 -1.93
N MET A 12 -0.02 0.72 -0.80
CA MET A 12 0.60 -0.58 -0.76
C MET A 12 -0.28 -1.53 0.05
N ARG A 13 -0.37 -2.77 -0.37
CA ARG A 13 -1.18 -3.74 0.33
C ARG A 13 -0.43 -4.26 1.55
N THR A 14 -1.00 -4.04 2.72
CA THR A 14 -0.34 -4.38 3.96
C THR A 14 -0.72 -5.78 4.43
N PRO A 15 0.11 -6.37 5.32
CA PRO A 15 -0.11 -7.74 5.82
C PRO A 15 -1.43 -7.90 6.58
N ASP A 16 -1.97 -6.81 7.10
CA ASP A 16 -3.23 -6.86 7.84
C ASP A 16 -4.42 -6.78 6.88
N GLY A 17 -4.13 -6.68 5.59
CA GLY A 17 -5.16 -6.86 4.58
C GLY A 17 -5.57 -5.59 3.87
N ARG A 18 -5.26 -4.43 4.44
CA ARG A 18 -5.69 -3.17 3.85
C ARG A 18 -4.54 -2.45 3.16
N CYS A 19 -4.62 -1.13 3.08
CA CYS A 19 -3.64 -0.35 2.35
C CYS A 19 -2.90 0.63 3.25
N LYS A 20 -1.67 0.92 2.88
CA LYS A 20 -0.89 1.98 3.49
C LYS A 20 -0.32 2.86 2.39
N PRO A 21 -0.30 4.17 2.57
CA PRO A 21 0.29 5.06 1.57
C PRO A 21 1.80 5.16 1.70
N THR A 22 2.48 5.04 0.58
CA THR A 22 3.93 4.95 0.53
C THR A 22 4.61 6.28 0.88
N PHE A 23 3.81 7.29 1.22
CA PHE A 23 4.36 8.61 1.46
C PHE A 23 5.24 8.61 2.72
N TYR A 24 4.75 8.00 3.78
CA TYR A 24 5.53 7.96 5.00
C TYR A 24 6.40 6.72 5.01
N GLN A 25 6.35 5.97 3.92
CA GLN A 25 7.29 4.88 3.70
C GLN A 25 8.60 5.44 3.23
N LEU A 26 8.54 6.54 2.48
CA LEU A 26 9.75 7.19 2.02
C LEU A 26 10.31 8.14 3.08
N ILE A 27 9.45 8.75 3.89
CA ILE A 27 9.93 9.63 4.94
C ILE A 27 10.37 8.87 6.20
N THR A 28 9.44 8.24 6.93
CA THR A 28 9.78 7.66 8.22
C THR A 28 9.03 6.34 8.45
N GLU A 1 -18.36 -2.10 -3.45
CA GLU A 1 -17.23 -1.99 -4.40
C GLU A 1 -16.08 -2.89 -4.00
N ASN A 2 -15.54 -2.67 -2.81
CA ASN A 2 -14.36 -3.41 -2.38
C ASN A 2 -14.73 -4.56 -1.42
N PHE A 3 -14.19 -5.73 -1.72
CA PHE A 3 -14.30 -6.88 -0.84
C PHE A 3 -13.68 -6.55 0.51
N SER A 4 -12.46 -6.03 0.48
CA SER A 4 -11.75 -5.61 1.67
C SER A 4 -10.48 -4.87 1.26
N GLY A 5 -9.53 -5.61 0.72
CA GLY A 5 -8.27 -5.03 0.33
C GLY A 5 -8.34 -4.42 -1.06
N GLY A 6 -7.92 -3.18 -1.17
CA GLY A 6 -7.89 -2.49 -2.45
C GLY A 6 -6.96 -1.31 -2.40
N CYS A 7 -5.69 -1.54 -2.68
CA CYS A 7 -4.67 -0.54 -2.46
C CYS A 7 -3.96 -0.19 -3.76
N VAL A 8 -4.16 1.04 -4.22
CA VAL A 8 -3.63 1.50 -5.50
C VAL A 8 -2.11 1.66 -5.47
N ALA A 9 -1.55 2.23 -6.54
CA ALA A 9 -0.10 2.35 -6.72
C ALA A 9 0.56 3.08 -5.57
N GLY A 10 -0.06 4.18 -5.13
CA GLY A 10 0.48 4.96 -4.03
C GLY A 10 0.29 4.31 -2.68
N TYR A 11 -0.23 3.09 -2.67
CA TYR A 11 -0.47 2.38 -1.43
C TYR A 11 0.21 1.03 -1.40
N MET A 12 0.52 0.58 -0.20
CA MET A 12 1.16 -0.69 0.03
C MET A 12 0.14 -1.65 0.60
N ARG A 13 0.46 -2.94 0.61
CA ARG A 13 -0.46 -3.95 1.08
C ARG A 13 -0.02 -4.55 2.39
N THR A 14 -0.99 -4.87 3.24
CA THR A 14 -0.74 -5.62 4.45
C THR A 14 -1.40 -6.99 4.34
N PRO A 15 -1.04 -7.95 5.22
CA PRO A 15 -1.65 -9.29 5.22
C PRO A 15 -3.16 -9.25 5.51
N ASP A 16 -3.60 -8.15 6.10
CA ASP A 16 -5.01 -7.96 6.44
C ASP A 16 -5.78 -7.49 5.23
N GLY A 17 -5.06 -6.96 4.25
CA GLY A 17 -5.69 -6.34 3.10
C GLY A 17 -5.75 -4.84 3.25
N ARG A 18 -5.05 -4.31 4.25
CA ARG A 18 -5.04 -2.88 4.51
C ARG A 18 -4.07 -2.16 3.60
N CYS A 19 -4.32 -0.87 3.41
CA CYS A 19 -3.47 -0.04 2.59
C CYS A 19 -2.53 0.79 3.44
N LYS A 20 -1.27 0.79 3.07
CA LYS A 20 -0.26 1.58 3.76
C LYS A 20 0.25 2.65 2.81
N PRO A 21 0.10 3.92 3.15
CA PRO A 21 0.46 5.00 2.24
C PRO A 21 1.97 5.19 2.13
N THR A 22 2.51 4.84 0.98
CA THR A 22 3.96 4.81 0.79
C THR A 22 4.56 6.21 0.79
N PHE A 23 3.71 7.23 0.97
CA PHE A 23 4.19 8.60 0.94
C PHE A 23 5.06 8.85 2.16
N TYR A 24 4.70 8.24 3.28
CA TYR A 24 5.46 8.43 4.50
C TYR A 24 6.74 7.58 4.45
N GLN A 25 6.77 6.66 3.51
CA GLN A 25 7.94 5.81 3.34
C GLN A 25 9.03 6.58 2.61
N LEU A 26 8.63 7.46 1.70
CA LEU A 26 9.58 8.32 1.01
C LEU A 26 10.04 9.47 1.90
N ILE A 27 9.17 9.93 2.82
CA ILE A 27 9.56 10.99 3.76
C ILE A 27 10.10 10.42 5.07
N THR A 28 9.19 9.89 5.89
CA THR A 28 9.52 9.36 7.21
C THR A 28 9.90 10.50 8.17
N GLU A 1 -8.94 -3.01 -12.19
CA GLU A 1 -9.65 -4.14 -11.53
C GLU A 1 -9.57 -4.01 -10.02
N ASN A 2 -10.70 -4.19 -9.35
CA ASN A 2 -10.73 -4.14 -7.89
C ASN A 2 -11.09 -5.52 -7.35
N PHE A 3 -10.09 -6.18 -6.79
CA PHE A 3 -10.26 -7.55 -6.31
C PHE A 3 -10.69 -7.59 -4.84
N SER A 4 -10.65 -6.44 -4.17
CA SER A 4 -10.94 -6.38 -2.75
C SER A 4 -11.16 -4.95 -2.28
N GLY A 5 -10.07 -4.21 -2.12
CA GLY A 5 -10.16 -2.84 -1.65
C GLY A 5 -9.71 -1.86 -2.70
N GLY A 6 -8.49 -2.02 -3.18
CA GLY A 6 -7.98 -1.15 -4.21
C GLY A 6 -6.76 -0.37 -3.73
N CYS A 7 -5.68 -1.08 -3.43
CA CYS A 7 -4.47 -0.46 -2.96
C CYS A 7 -3.61 -0.03 -4.14
N VAL A 8 -3.88 1.18 -4.62
CA VAL A 8 -3.22 1.70 -5.81
C VAL A 8 -1.82 2.22 -5.52
N ALA A 9 -1.13 2.67 -6.57
CA ALA A 9 0.20 3.27 -6.45
C ALA A 9 0.18 4.38 -5.41
N GLY A 10 1.01 4.23 -4.39
CA GLY A 10 1.00 5.14 -3.28
C GLY A 10 0.54 4.45 -2.03
N TYR A 11 -0.09 3.30 -2.21
CA TYR A 11 -0.55 2.48 -1.11
C TYR A 11 0.20 1.17 -1.05
N MET A 12 0.70 0.86 0.12
CA MET A 12 1.41 -0.38 0.37
C MET A 12 0.44 -1.41 0.92
N ARG A 13 0.74 -2.68 0.72
CA ARG A 13 -0.11 -3.76 1.20
C ARG A 13 0.20 -4.12 2.64
N THR A 14 -0.84 -4.14 3.44
CA THR A 14 -0.73 -4.63 4.80
C THR A 14 -1.00 -6.12 4.81
N PRO A 15 -0.51 -6.85 5.83
CA PRO A 15 -0.73 -8.30 5.94
C PRO A 15 -2.21 -8.64 6.14
N ASP A 16 -3.01 -7.62 6.45
CA ASP A 16 -4.44 -7.81 6.63
C ASP A 16 -5.16 -7.83 5.30
N GLY A 17 -4.51 -7.28 4.27
CA GLY A 17 -5.16 -7.15 2.98
C GLY A 17 -5.76 -5.79 2.79
N ARG A 18 -5.24 -4.82 3.52
CA ARG A 18 -5.74 -3.45 3.44
C ARG A 18 -4.66 -2.54 2.85
N CYS A 19 -5.05 -1.32 2.57
CA CYS A 19 -4.14 -0.35 1.97
C CYS A 19 -3.65 0.63 3.03
N LYS A 20 -2.39 1.01 2.93
CA LYS A 20 -1.82 2.05 3.77
C LYS A 20 -0.89 2.92 2.94
N PRO A 21 -0.86 4.23 3.16
CA PRO A 21 -0.10 5.13 2.31
C PRO A 21 1.40 5.08 2.57
N THR A 22 2.10 4.41 1.67
CA THR A 22 3.52 4.18 1.82
C THR A 22 4.32 5.45 1.50
N PHE A 23 3.62 6.58 1.38
CA PHE A 23 4.29 7.81 1.01
C PHE A 23 5.16 8.30 2.17
N TYR A 24 4.78 7.93 3.39
CA TYR A 24 5.61 8.21 4.56
C TYR A 24 6.96 7.54 4.40
N GLN A 25 6.93 6.36 3.81
CA GLN A 25 8.10 5.53 3.68
C GLN A 25 8.99 6.02 2.54
N LEU A 26 8.39 6.68 1.56
CA LEU A 26 9.15 7.30 0.49
C LEU A 26 9.52 8.74 0.83
N ILE A 27 9.01 9.22 1.97
CA ILE A 27 9.39 10.54 2.48
C ILE A 27 10.52 10.41 3.50
N THR A 28 10.26 9.71 4.59
CA THR A 28 11.24 9.60 5.66
C THR A 28 11.79 8.17 5.73
#